data_4RSR
#
_entry.id   4RSR
#
_cell.length_a   85.156
_cell.length_b   46.406
_cell.length_c   100.255
_cell.angle_alpha   90.00
_cell.angle_beta   114.07
_cell.angle_gamma   90.00
#
_symmetry.space_group_name_H-M   'C 1 2 1'
#
loop_
_entity.id
_entity.type
_entity.pdbx_description
1 polymer 'Arsenic methyltransferase'
2 non-polymer 4-arsanyl-2-nitrophenol
3 non-polymer 'MAGNESIUM ION'
4 non-polymer 'CALCIUM ION'
5 non-polymer 'SODIUM ION'
6 non-polymer 2,3-DIHYDROXY-1,4-DITHIOBUTANE
7 water water
#
_entity_poly.entity_id   1
_entity_poly.type   'polypeptide(L)'
_entity_poly.pdbx_seq_one_letter_code
;MPCSCASGCQKSKNGGSTPSIRDHVADYYGKTLQSSADLKTSACKLAAAVPESHRKILADIADEVLEKFYGCGSTLPADG
SLEGATVLDLGCGTGRDVYLASKLVGEHGKVIGVDMLDNQLEVARKYVEYHAEKFFGSPSRSNVRFLKGFIENLATAEPE
GVPDSSVDIVISNCVCNLSTNKLALFKEIHRVLRDGGELYFSDVYADRRLSEAAQQDPILYGECLGGALYLEDFRRLVAE
AGFRDVRLVSVGPVDVSDPQLRKLVPDVQFYSCTFRCFKVATLEATREDYGQSATYLGGIGEEFKLDRFFTFPREKPVRV
DRNTAEIIRHSRLHQWFSVSAEQQHMGLFKANDSYALLHAPLSMQVEQLVSGAAALEHHHHHH
;
_entity_poly.pdbx_strand_id   A
#
# COMPACT_ATOMS: atom_id res chain seq x y z
N CYS A 44 16.87 3.93 -3.17
CA CYS A 44 16.03 2.73 -3.49
C CYS A 44 16.15 2.23 -4.94
N LYS A 45 15.05 1.70 -5.50
CA LYS A 45 15.02 0.94 -6.79
C LYS A 45 15.44 1.72 -8.06
N LEU A 46 14.99 1.23 -9.20
CA LEU A 46 14.68 2.14 -10.29
C LEU A 46 13.19 2.51 -10.10
N ALA A 47 12.42 1.53 -9.60
CA ALA A 47 10.98 1.62 -9.31
C ALA A 47 10.10 2.03 -10.50
N ALA A 48 9.24 3.03 -10.29
CA ALA A 48 8.14 3.32 -11.23
C ALA A 48 8.11 4.74 -11.86
N ALA A 49 7.45 4.83 -13.01
CA ALA A 49 7.25 6.08 -13.73
C ALA A 49 6.22 6.92 -12.98
N VAL A 50 6.47 8.23 -12.88
CA VAL A 50 5.56 9.16 -12.20
C VAL A 50 4.29 9.44 -13.03
N PRO A 51 3.08 9.08 -12.50
CA PRO A 51 1.83 9.31 -13.24
C PRO A 51 1.60 10.79 -13.55
N GLU A 52 1.10 11.10 -14.73
CA GLU A 52 0.93 12.48 -15.21
C GLU A 52 0.24 13.45 -14.25
N SER A 53 -0.90 13.05 -13.69
CA SER A 53 -1.57 13.86 -12.65
C SER A 53 -0.66 14.27 -11.47
N HIS A 54 0.29 13.42 -11.09
CA HIS A 54 1.24 13.84 -10.06
C HIS A 54 2.31 14.81 -10.53
N ARG A 55 2.67 14.78 -11.80
CA ARG A 55 3.80 15.62 -12.28
C ARG A 55 3.68 17.11 -11.93
N LYS A 56 2.48 17.62 -12.12
CA LYS A 56 2.13 19.03 -11.92
C LYS A 56 2.37 19.35 -10.46
N ILE A 57 1.76 18.55 -9.58
CA ILE A 57 1.95 18.66 -8.13
C ILE A 57 3.41 18.57 -7.65
N LEU A 58 4.21 17.67 -8.23
CA LEU A 58 5.65 17.63 -7.87
C LEU A 58 6.41 18.92 -8.25
N ALA A 59 5.98 19.59 -9.30
CA ALA A 59 6.66 20.80 -9.75
C ALA A 59 6.43 21.88 -8.73
N ASP A 60 5.34 21.75 -7.97
CA ASP A 60 5.09 22.74 -6.93
C ASP A 60 5.75 22.44 -5.61
N ILE A 61 6.30 21.24 -5.43
CA ILE A 61 6.83 20.84 -4.14
C ILE A 61 8.25 21.41 -3.99
N ALA A 62 8.58 21.91 -2.79
CA ALA A 62 9.89 22.54 -2.58
C ALA A 62 11.03 21.68 -3.09
N ASP A 63 11.97 22.33 -3.76
CA ASP A 63 13.05 21.61 -4.44
C ASP A 63 13.92 20.85 -3.43
N GLU A 64 14.13 21.45 -2.26
CA GLU A 64 14.93 20.82 -1.21
C GLU A 64 14.29 19.47 -0.74
N VAL A 65 12.95 19.37 -0.81
CA VAL A 65 12.27 18.19 -0.28
C VAL A 65 12.54 17.09 -1.28
N LEU A 66 12.40 17.43 -2.57
CA LEU A 66 12.71 16.51 -3.65
C LEU A 66 14.15 16.11 -3.76
N GLU A 67 15.08 17.01 -3.45
CA GLU A 67 16.46 16.79 -3.76
C GLU A 67 16.97 15.79 -2.71
N LYS A 68 16.57 15.97 -1.46
CA LYS A 68 17.13 15.16 -0.38
C LYS A 68 16.27 13.93 -0.01
N PHE A 69 15.19 13.70 -0.73
CA PHE A 69 14.28 12.65 -0.37
C PHE A 69 15.02 11.29 -0.47
N TYR A 70 14.91 10.46 0.56
CA TYR A 70 15.58 9.15 0.49
C TYR A 70 14.65 8.06 -0.09
N GLY A 71 15.15 7.30 -1.06
CA GLY A 71 14.42 6.13 -1.57
C GLY A 71 13.39 6.44 -2.64
N CYS A 72 12.48 5.50 -2.93
CA CYS A 72 11.52 5.65 -4.05
C CYS A 72 10.14 6.17 -3.53
N GLY A 73 9.33 6.77 -4.41
CA GLY A 73 7.99 7.25 -3.99
C GLY A 73 7.05 6.13 -3.55
N SER A 74 6.25 6.41 -2.52
CA SER A 74 5.14 5.58 -2.14
C SER A 74 4.06 5.70 -3.24
N THR A 75 3.59 4.59 -3.79
CA THR A 75 2.52 4.64 -4.75
C THR A 75 1.18 4.84 -4.02
N LEU A 76 0.19 5.32 -4.75
CA LEU A 76 -1.04 5.76 -4.15
C LEU A 76 -2.16 5.17 -4.97
N PRO A 77 -3.26 4.81 -4.30
CA PRO A 77 -4.53 4.43 -4.88
C PRO A 77 -5.00 5.55 -5.80
N ALA A 78 -5.91 5.24 -6.72
CA ALA A 78 -6.43 6.22 -7.72
C ALA A 78 -6.70 7.58 -6.99
N ASP A 79 -6.22 8.69 -7.54
CA ASP A 79 -6.27 10.02 -6.91
C ASP A 79 -7.61 10.48 -6.35
N GLY A 80 -8.67 10.28 -7.14
CA GLY A 80 -10.02 10.63 -6.74
C GLY A 80 -10.43 9.92 -5.48
N SER A 81 -9.93 8.70 -5.28
CA SER A 81 -10.39 7.91 -4.14
C SER A 81 -9.85 8.49 -2.81
N LEU A 82 -8.87 9.39 -2.90
CA LEU A 82 -8.23 9.95 -1.70
C LEU A 82 -8.88 11.21 -1.10
N GLU A 83 -9.87 11.76 -1.75
CA GLU A 83 -10.40 13.04 -1.29
C GLU A 83 -11.02 12.91 0.10
N GLY A 84 -10.68 13.76 1.07
CA GLY A 84 -11.21 13.57 2.42
C GLY A 84 -10.53 12.53 3.34
N ALA A 85 -9.63 11.70 2.77
CA ALA A 85 -9.04 10.57 3.56
C ALA A 85 -7.98 11.10 4.50
N THR A 86 -7.76 10.39 5.60
CA THR A 86 -6.54 10.49 6.41
C THR A 86 -5.51 9.44 5.94
N VAL A 87 -4.34 9.91 5.48
CA VAL A 87 -3.27 9.02 4.90
C VAL A 87 -2.07 9.11 5.83
N LEU A 88 -1.44 7.97 6.11
CA LEU A 88 -0.21 7.93 6.84
C LEU A 88 0.87 7.25 5.99
N ASP A 89 2.01 7.94 5.81
CA ASP A 89 3.19 7.41 5.11
C ASP A 89 4.21 6.92 6.13
N LEU A 90 4.54 5.64 6.09
CA LEU A 90 5.61 5.08 6.95
C LEU A 90 7.00 5.22 6.28
N GLY A 91 7.90 5.91 6.95
CA GLY A 91 9.17 6.13 6.34
C GLY A 91 9.05 7.29 5.39
N CYS A 92 8.51 8.39 5.88
CA CYS A 92 8.09 9.49 5.01
C CYS A 92 9.28 10.28 4.46
N GLY A 93 10.44 10.17 5.10
CA GLY A 93 11.61 10.96 4.70
C GLY A 93 11.41 12.48 4.81
N THR A 94 11.74 13.18 3.72
CA THR A 94 11.63 14.65 3.66
C THR A 94 10.22 15.09 3.31
N GLY A 95 9.38 14.12 2.98
CA GLY A 95 7.94 14.34 2.92
C GLY A 95 7.39 14.40 1.51
N ARG A 96 8.19 13.98 0.51
CA ARG A 96 7.75 14.11 -0.88
C ARG A 96 6.34 13.52 -1.02
N ASP A 97 6.12 12.35 -0.44
CA ASP A 97 4.88 11.64 -0.68
C ASP A 97 3.83 12.22 0.21
N VAL A 98 4.19 12.63 1.41
CA VAL A 98 3.22 13.31 2.24
C VAL A 98 2.69 14.61 1.57
N TYR A 99 3.59 15.47 1.07
CA TYR A 99 3.16 16.70 0.43
C TYR A 99 2.31 16.41 -0.83
N LEU A 100 2.70 15.41 -1.62
CA LEU A 100 1.92 14.97 -2.76
C LEU A 100 0.49 14.57 -2.38
N ALA A 101 0.39 13.76 -1.31
CA ALA A 101 -0.90 13.29 -0.86
C ALA A 101 -1.71 14.47 -0.27
N SER A 102 -1.03 15.40 0.40
CA SER A 102 -1.64 16.55 1.05
C SER A 102 -2.61 17.28 0.09
N LYS A 103 -2.11 17.51 -1.10
CA LYS A 103 -2.91 18.12 -2.11
C LYS A 103 -4.04 17.19 -2.57
N LEU A 104 -3.75 15.90 -2.74
CA LEU A 104 -4.74 14.99 -3.30
C LEU A 104 -5.88 14.66 -2.35
N VAL A 105 -5.65 14.75 -1.04
CA VAL A 105 -6.69 14.46 -0.07
C VAL A 105 -7.55 15.70 0.18
N GLY A 106 -7.06 16.85 -0.30
CA GLY A 106 -7.69 18.16 -0.11
C GLY A 106 -7.74 18.62 1.33
N GLU A 107 -8.35 19.79 1.55
CA GLU A 107 -8.41 20.46 2.87
C GLU A 107 -9.20 19.74 3.96
N HIS A 108 -10.16 18.91 3.59
CA HIS A 108 -10.82 18.07 4.59
C HIS A 108 -10.11 16.75 4.83
N GLY A 109 -9.12 16.45 3.98
CA GLY A 109 -8.23 15.31 4.22
C GLY A 109 -7.14 15.68 5.22
N LYS A 110 -6.39 14.72 5.72
CA LYS A 110 -5.17 15.02 6.49
C LYS A 110 -4.07 13.99 6.23
N VAL A 111 -2.81 14.40 6.33
CA VAL A 111 -1.70 13.52 6.04
C VAL A 111 -0.69 13.50 7.21
N ILE A 112 -0.25 12.28 7.57
CA ILE A 112 0.75 12.12 8.57
C ILE A 112 1.97 11.39 7.99
N GLY A 113 3.18 11.90 8.29
CA GLY A 113 4.43 11.24 7.95
C GLY A 113 5.11 10.78 9.20
N VAL A 114 5.74 9.60 9.13
CA VAL A 114 6.48 9.05 10.28
C VAL A 114 7.87 8.68 9.80
N ASP A 115 8.88 8.97 10.59
CA ASP A 115 10.27 8.60 10.27
C ASP A 115 11.15 8.78 11.51
N MET A 116 12.35 8.23 11.43
CA MET A 116 13.29 8.26 12.56
C MET A 116 14.60 8.93 12.19
N LEU A 117 14.82 9.18 10.89
CA LEU A 117 15.98 9.96 10.40
C LEU A 117 15.79 11.49 10.61
N ASP A 118 16.33 11.98 11.74
CA ASP A 118 16.36 13.38 12.18
C ASP A 118 16.56 14.45 11.13
N ASN A 119 17.57 14.22 10.30
CA ASN A 119 17.93 15.04 9.17
C ASN A 119 16.82 15.14 8.15
N GLN A 120 16.14 14.03 7.87
CA GLN A 120 14.99 14.00 6.91
C GLN A 120 13.79 14.76 7.47
N LEU A 121 13.39 14.48 8.70
CA LEU A 121 12.28 15.24 9.33
C LEU A 121 12.45 16.76 9.46
N GLU A 122 13.67 17.20 9.79
CA GLU A 122 13.96 18.64 9.96
C GLU A 122 13.57 19.31 8.63
N VAL A 123 14.06 18.75 7.52
CA VAL A 123 13.65 19.17 6.20
C VAL A 123 12.11 19.11 6.00
N ALA A 124 11.47 18.00 6.39
CA ALA A 124 10.02 17.83 6.19
C ALA A 124 9.28 18.92 6.97
N ARG A 125 9.61 18.99 8.26
CA ARG A 125 8.98 19.91 9.21
C ARG A 125 9.05 21.36 8.79
N LYS A 126 10.05 21.78 8.01
CA LYS A 126 10.09 23.22 7.77
C LYS A 126 9.48 23.67 6.47
N TYR A 127 8.75 22.80 5.80
CA TYR A 127 8.03 23.18 4.58
C TYR A 127 6.53 23.04 4.70
N VAL A 128 6.08 22.80 5.92
CA VAL A 128 4.66 22.73 6.21
C VAL A 128 3.96 23.99 5.63
N GLU A 129 4.42 25.18 6.06
CA GLU A 129 3.79 26.46 5.65
C GLU A 129 3.97 26.67 4.17
N TYR A 130 5.18 26.41 3.68
CA TYR A 130 5.45 26.57 2.28
C TYR A 130 4.34 25.95 1.55
N HIS A 131 4.02 24.71 1.93
CA HIS A 131 3.10 23.89 1.14
C HIS A 131 1.64 24.19 1.37
N ALA A 132 1.31 24.58 2.60
CA ALA A 132 -0.05 25.08 2.93
C ALA A 132 -0.44 26.26 2.03
N GLU A 133 0.47 27.25 1.91
CA GLU A 133 0.26 28.42 0.99
C GLU A 133 0.09 27.93 -0.42
N LYS A 134 1.02 27.11 -0.87
CA LYS A 134 1.02 26.73 -2.25
C LYS A 134 -0.17 25.84 -2.59
N PHE A 135 -0.69 25.07 -1.63
CA PHE A 135 -1.87 24.21 -1.96
C PHE A 135 -3.19 24.84 -1.63
N PHE A 136 -3.24 25.48 -0.47
CA PHE A 136 -4.50 25.92 0.10
C PHE A 136 -4.49 27.45 0.41
N GLY A 137 -3.81 28.23 -0.44
CA GLY A 137 -3.71 29.70 -0.34
C GLY A 137 -3.31 30.35 0.97
N SER A 138 -2.97 29.60 2.00
CA SER A 138 -2.51 30.23 3.24
C SER A 138 -1.54 29.40 4.10
N PRO A 139 -0.53 30.05 4.75
CA PRO A 139 0.48 29.36 5.59
C PRO A 139 -0.05 28.49 6.76
N SER A 140 -1.22 28.79 7.26
CA SER A 140 -1.77 28.17 8.49
C SER A 140 -2.81 27.06 8.24
N ARG A 141 -3.26 26.93 6.98
CA ARG A 141 -4.17 25.88 6.48
C ARG A 141 -3.50 24.54 6.06
N SER A 142 -2.53 24.10 6.84
CA SER A 142 -1.81 22.89 6.52
C SER A 142 -2.59 21.66 7.00
N ASN A 143 -2.70 20.66 6.11
CA ASN A 143 -3.29 19.37 6.55
C ASN A 143 -2.26 18.30 6.84
N VAL A 144 -1.01 18.66 7.13
CA VAL A 144 -0.01 17.62 7.33
C VAL A 144 0.67 17.68 8.69
N ARG A 145 1.31 16.58 9.08
CA ARG A 145 2.18 16.63 10.23
C ARG A 145 3.27 15.54 10.20
N PHE A 146 4.38 15.80 10.86
CA PHE A 146 5.46 14.86 10.87
C PHE A 146 5.79 14.37 12.27
N LEU A 147 5.88 13.05 12.40
CA LEU A 147 6.11 12.40 13.64
C LEU A 147 7.45 11.69 13.55
N LYS A 148 8.14 11.66 14.68
CA LYS A 148 9.41 10.97 14.79
C LYS A 148 9.24 9.72 15.65
N GLY A 149 9.61 8.57 15.10
CA GLY A 149 9.45 7.35 15.91
C GLY A 149 9.79 6.16 15.07
N PHE A 150 9.87 4.98 15.71
CA PHE A 150 10.03 3.76 14.95
C PHE A 150 8.66 3.43 14.39
N ILE A 151 8.64 3.10 13.11
CA ILE A 151 7.40 2.70 12.43
C ILE A 151 6.70 1.49 13.10
N GLU A 152 7.44 0.63 13.82
CA GLU A 152 6.82 -0.51 14.58
C GLU A 152 6.11 -0.04 15.86
N ASN A 153 6.21 1.24 16.19
CA ASN A 153 5.51 1.71 17.35
C ASN A 153 5.05 3.15 17.22
N LEU A 154 3.89 3.31 16.58
CA LEU A 154 3.36 4.59 16.25
C LEU A 154 2.76 5.28 17.46
N ALA A 155 2.28 4.52 18.44
CA ALA A 155 1.66 5.12 19.65
C ALA A 155 2.61 6.01 20.47
N THR A 156 3.92 5.74 20.43
CA THR A 156 4.92 6.59 21.13
C THR A 156 5.76 7.47 20.18
N ALA A 157 5.30 7.68 18.96
CA ALA A 157 5.95 8.67 18.09
C ALA A 157 5.85 10.06 18.74
N GLU A 158 6.77 10.96 18.39
CA GLU A 158 7.18 11.98 19.35
C GLU A 158 6.44 13.30 19.47
N PRO A 159 5.95 13.84 18.36
CA PRO A 159 5.11 14.95 18.87
C PRO A 159 3.85 14.38 19.58
N GLU A 160 3.19 13.43 18.94
CA GLU A 160 2.07 12.68 19.50
C GLU A 160 2.05 11.25 18.86
N GLY A 161 1.40 10.29 19.51
CA GLY A 161 1.21 8.97 18.92
C GLY A 161 0.09 8.93 17.90
N VAL A 162 0.02 7.86 17.13
CA VAL A 162 -1.15 7.61 16.22
C VAL A 162 -2.17 6.76 17.00
N PRO A 163 -3.36 7.32 17.23
CA PRO A 163 -4.34 6.55 18.00
C PRO A 163 -4.89 5.38 17.17
N ASP A 164 -5.53 4.43 17.84
CA ASP A 164 -6.36 3.41 17.22
C ASP A 164 -7.35 3.95 16.21
N SER A 165 -7.61 3.12 15.21
CA SER A 165 -8.68 3.35 14.26
C SER A 165 -8.82 4.81 13.77
N SER A 166 -7.71 5.41 13.35
CA SER A 166 -7.76 6.79 12.87
C SER A 166 -7.31 7.06 11.45
N VAL A 167 -6.80 6.03 10.76
CA VAL A 167 -6.20 6.25 9.45
C VAL A 167 -7.06 5.50 8.44
N ASP A 168 -7.26 6.11 7.25
CA ASP A 168 -7.93 5.45 6.12
C ASP A 168 -7.01 4.66 5.18
N ILE A 169 -5.79 5.18 4.93
CA ILE A 169 -4.82 4.59 4.03
C ILE A 169 -3.43 4.69 4.63
N VAL A 170 -2.71 3.58 4.76
CA VAL A 170 -1.31 3.62 5.16
C VAL A 170 -0.54 3.27 3.90
N ILE A 171 0.45 4.09 3.55
CA ILE A 171 1.31 3.83 2.39
C ILE A 171 2.76 3.62 2.87
N SER A 172 3.55 2.96 2.07
CA SER A 172 4.99 2.81 2.33
C SER A 172 5.63 2.11 1.12
N ASN A 173 6.89 2.42 0.87
CA ASN A 173 7.59 1.74 -0.20
C ASN A 173 8.91 1.21 0.35
N CYS A 174 9.06 -0.11 0.26
CA CYS A 174 10.34 -0.78 0.60
C CYS A 174 10.85 -0.52 2.06
N VAL A 175 9.97 -0.62 3.06
CA VAL A 175 10.39 -0.44 4.46
C VAL A 175 10.47 -1.77 5.22
N CYS A 176 9.79 -2.83 4.75
CA CYS A 176 9.68 -4.04 5.55
C CYS A 176 10.94 -4.87 5.66
N ASN A 177 11.80 -4.84 4.64
CA ASN A 177 12.87 -5.84 4.58
C ASN A 177 14.08 -5.37 5.33
N LEU A 178 13.93 -4.21 5.97
CA LEU A 178 15.02 -3.66 6.76
C LEU A 178 14.94 -4.01 8.26
N SER A 179 13.72 -4.25 8.76
CA SER A 179 13.55 -4.84 10.13
C SER A 179 13.18 -6.33 9.99
N THR A 180 13.60 -7.23 10.89
CA THR A 180 12.95 -8.57 10.79
C THR A 180 11.79 -8.83 11.77
N ASN A 181 11.44 -7.79 12.55
CA ASN A 181 10.14 -7.78 13.22
C ASN A 181 9.00 -7.22 12.38
N LYS A 182 8.68 -7.98 11.35
CA LYS A 182 7.65 -7.63 10.39
C LYS A 182 6.30 -7.68 11.06
N LEU A 183 6.14 -8.67 11.95
CA LEU A 183 4.89 -8.97 12.64
C LEU A 183 4.34 -7.82 13.47
N ALA A 184 5.20 -7.18 14.26
CA ALA A 184 4.87 -6.05 15.07
C ALA A 184 4.51 -4.86 14.16
N LEU A 185 5.17 -4.78 13.04
CA LEU A 185 4.86 -3.71 12.09
C LEU A 185 3.45 -3.95 11.48
N PHE A 186 3.18 -5.15 11.00
CA PHE A 186 1.81 -5.43 10.52
C PHE A 186 0.74 -5.19 11.61
N LYS A 187 0.98 -5.62 12.84
CA LYS A 187 -0.05 -5.39 13.97
C LYS A 187 -0.25 -3.92 14.28
N GLU A 188 0.85 -3.14 14.22
CA GLU A 188 0.73 -1.70 14.38
C GLU A 188 -0.05 -1.00 13.27
N ILE A 189 0.22 -1.31 12.02
CA ILE A 189 -0.67 -0.88 10.95
C ILE A 189 -2.14 -1.33 11.16
N HIS A 190 -2.36 -2.59 11.55
CA HIS A 190 -3.75 -3.00 11.80
C HIS A 190 -4.42 -2.13 12.87
N ARG A 191 -3.66 -1.76 13.91
CA ARG A 191 -4.19 -1.01 15.03
C ARG A 191 -4.62 0.41 14.62
N VAL A 192 -3.79 1.14 13.86
CA VAL A 192 -4.11 2.55 13.48
C VAL A 192 -5.22 2.69 12.42
N LEU A 193 -5.42 1.63 11.63
CA LEU A 193 -6.43 1.71 10.56
C LEU A 193 -7.83 1.66 11.17
N ARG A 194 -8.74 2.45 10.64
CA ARG A 194 -10.16 2.25 10.94
C ARG A 194 -10.76 1.12 10.05
N ASP A 195 -11.97 0.64 10.39
CA ASP A 195 -12.68 -0.33 9.60
C ASP A 195 -12.90 0.24 8.21
N GLY A 196 -12.62 -0.56 7.19
CA GLY A 196 -12.66 -0.10 5.81
C GLY A 196 -11.38 0.54 5.32
N GLY A 197 -10.43 0.81 6.25
CA GLY A 197 -9.11 1.34 5.89
C GLY A 197 -8.22 0.32 5.17
N GLU A 198 -7.19 0.78 4.44
CA GLU A 198 -6.30 -0.14 3.75
C GLU A 198 -4.84 0.16 3.93
N LEU A 199 -4.06 -0.93 3.87
CA LEU A 199 -2.60 -0.82 3.79
C LEU A 199 -2.38 -1.00 2.32
N TYR A 200 -1.80 0.02 1.70
CA TYR A 200 -1.65 0.00 0.25
C TYR A 200 -0.15 0.20 0.03
N PHE A 201 0.58 -0.83 -0.32
CA PHE A 201 2.06 -0.72 -0.24
C PHE A 201 2.87 -1.61 -1.24
N SER A 202 4.14 -1.27 -1.41
CA SER A 202 5.06 -1.90 -2.32
C SER A 202 6.24 -2.41 -1.53
N ASP A 203 6.69 -3.60 -1.84
CA ASP A 203 7.88 -4.12 -1.25
C ASP A 203 8.46 -5.23 -2.13
N VAL A 204 9.61 -5.76 -1.71
CA VAL A 204 10.29 -6.82 -2.41
C VAL A 204 9.98 -8.17 -1.73
N TYR A 205 9.64 -9.20 -2.51
CA TYR A 205 9.32 -10.53 -1.96
C TYR A 205 10.08 -11.52 -2.78
N ALA A 206 10.15 -12.76 -2.32
CA ALA A 206 10.90 -13.81 -2.96
C ALA A 206 9.94 -14.99 -3.22
N ASP A 207 10.24 -15.80 -4.25
CA ASP A 207 9.43 -16.98 -4.53
C ASP A 207 9.86 -18.20 -3.70
N ARG A 208 10.75 -17.99 -2.72
CA ARG A 208 11.13 -19.11 -1.83
C ARG A 208 11.86 -18.58 -0.60
N ARG A 209 12.14 -19.44 0.37
CA ARG A 209 12.80 -19.00 1.59
C ARG A 209 14.31 -18.83 1.44
N LEU A 210 14.81 -17.64 1.69
CA LEU A 210 16.24 -17.40 1.55
C LEU A 210 17.02 -18.30 2.55
N SER A 211 18.22 -18.72 2.18
CA SER A 211 19.14 -19.44 3.11
C SER A 211 19.62 -18.52 4.22
N GLU A 212 20.07 -19.13 5.28
CA GLU A 212 20.75 -18.44 6.36
C GLU A 212 21.87 -17.53 5.86
N ALA A 213 22.65 -18.01 4.90
CA ALA A 213 23.79 -17.27 4.38
C ALA A 213 23.31 -15.98 3.69
N ALA A 214 22.28 -16.09 2.83
CA ALA A 214 21.70 -14.95 2.14
C ALA A 214 21.16 -13.96 3.11
N GLN A 215 20.51 -14.42 4.17
CA GLN A 215 19.93 -13.47 5.16
C GLN A 215 20.99 -12.75 6.06
N GLN A 216 22.20 -13.30 6.17
CA GLN A 216 23.29 -12.62 6.85
C GLN A 216 24.07 -11.68 5.93
N ASP A 217 23.90 -11.78 4.63
CA ASP A 217 24.78 -10.95 3.76
C ASP A 217 24.49 -9.43 3.84
N PRO A 218 25.52 -8.60 4.10
CA PRO A 218 25.16 -7.19 4.21
C PRO A 218 24.84 -6.46 2.91
N ILE A 219 25.37 -6.91 1.80
CA ILE A 219 25.00 -6.25 0.57
C ILE A 219 23.55 -6.61 0.15
N LEU A 220 23.20 -7.88 0.18
CA LEU A 220 21.80 -8.28 0.04
C LEU A 220 20.84 -7.56 1.02
N TYR A 221 21.24 -7.46 2.28
CA TYR A 221 20.39 -6.80 3.26
C TYR A 221 20.07 -5.36 2.82
N GLY A 222 21.09 -4.59 2.51
CA GLY A 222 20.93 -3.15 2.23
C GLY A 222 20.23 -2.93 0.89
N GLU A 223 20.17 -3.95 0.02
CA GLU A 223 19.35 -3.88 -1.19
C GLU A 223 17.90 -4.34 -0.93
N CYS A 224 17.52 -4.61 0.32
CA CYS A 224 16.14 -5.06 0.64
C CYS A 224 15.81 -6.42 0.12
N LEU A 225 16.84 -7.16 -0.23
CA LEU A 225 16.69 -8.47 -0.75
C LEU A 225 16.82 -9.47 0.36
N GLY A 226 17.73 -9.21 1.32
CA GLY A 226 18.16 -10.27 2.20
C GLY A 226 17.08 -10.45 3.27
N GLY A 227 16.39 -9.37 3.57
CA GLY A 227 15.24 -9.42 4.47
C GLY A 227 13.91 -9.72 3.72
N ALA A 228 13.95 -10.04 2.40
CA ALA A 228 12.71 -10.43 1.67
C ALA A 228 12.00 -11.73 2.16
N LEU A 229 10.70 -11.61 2.42
CA LEU A 229 9.92 -12.77 2.77
C LEU A 229 9.50 -13.56 1.53
N TYR A 230 9.44 -14.84 1.72
CA TYR A 230 8.72 -15.72 0.88
C TYR A 230 7.25 -15.30 0.86
N LEU A 231 6.70 -15.20 -0.34
CA LEU A 231 5.27 -14.73 -0.45
C LEU A 231 4.29 -15.49 0.43
N GLU A 232 4.41 -16.81 0.50
CA GLU A 232 3.51 -17.60 1.37
C GLU A 232 3.74 -17.31 2.85
N ASP A 233 4.99 -17.07 3.25
CA ASP A 233 5.24 -16.67 4.64
C ASP A 233 4.67 -15.24 4.90
N PHE A 234 4.91 -14.33 3.97
CA PHE A 234 4.26 -13.02 4.07
C PHE A 234 2.72 -13.12 4.25
N ARG A 235 2.05 -13.92 3.43
CA ARG A 235 0.62 -14.10 3.56
C ARG A 235 0.14 -14.64 4.93
N ARG A 236 0.79 -15.66 5.46
CA ARG A 236 0.45 -16.14 6.81
C ARG A 236 0.71 -15.05 7.88
N LEU A 237 1.80 -14.34 7.70
CA LEU A 237 2.17 -13.31 8.65
C LEU A 237 1.23 -12.09 8.67
N VAL A 238 0.83 -11.54 7.50
CA VAL A 238 -0.12 -10.45 7.58
C VAL A 238 -1.46 -10.96 8.06
N ALA A 239 -1.80 -12.23 7.79
CA ALA A 239 -3.06 -12.78 8.33
C ALA A 239 -2.94 -12.93 9.85
N GLU A 240 -1.81 -13.36 10.35
CA GLU A 240 -1.64 -13.32 11.79
C GLU A 240 -1.84 -11.88 12.33
N ALA A 241 -1.43 -10.84 11.57
CA ALA A 241 -1.66 -9.48 12.06
C ALA A 241 -3.09 -9.01 11.92
N GLY A 242 -3.94 -9.78 11.23
CA GLY A 242 -5.35 -9.49 11.13
C GLY A 242 -5.80 -9.16 9.71
N PHE A 243 -4.92 -9.17 8.72
CA PHE A 243 -5.37 -8.86 7.35
C PHE A 243 -5.61 -10.15 6.60
N ARG A 244 -6.88 -10.48 6.45
CA ARG A 244 -7.22 -11.82 6.10
C ARG A 244 -7.24 -11.98 4.59
N ASP A 245 -7.13 -10.87 3.87
CA ASP A 245 -7.30 -10.92 2.43
C ASP A 245 -6.31 -9.99 1.72
N VAL A 246 -5.42 -10.53 0.92
CA VAL A 246 -4.35 -9.74 0.31
C VAL A 246 -4.62 -9.68 -1.17
N ARG A 247 -4.67 -8.48 -1.75
CA ARG A 247 -4.98 -8.31 -3.15
C ARG A 247 -3.77 -7.69 -3.83
N LEU A 248 -3.29 -8.38 -4.84
CA LEU A 248 -2.26 -7.89 -5.77
C LEU A 248 -2.68 -6.73 -6.67
N VAL A 249 -1.95 -5.65 -6.61
CA VAL A 249 -2.27 -4.48 -7.42
C VAL A 249 -1.34 -4.49 -8.61
N SER A 250 -0.05 -4.69 -8.36
CA SER A 250 0.92 -5.00 -9.46
C SER A 250 2.18 -5.70 -8.99
N VAL A 251 2.92 -6.23 -9.95
CA VAL A 251 4.14 -6.96 -9.68
C VAL A 251 5.12 -6.67 -10.81
N GLY A 252 6.36 -6.32 -10.47
CA GLY A 252 7.49 -6.31 -11.39
C GLY A 252 8.60 -7.34 -11.01
N PRO A 253 9.38 -7.81 -11.99
CA PRO A 253 10.52 -8.67 -11.66
C PRO A 253 11.58 -7.78 -11.00
N VAL A 254 12.33 -8.32 -10.04
CA VAL A 254 13.46 -7.56 -9.45
C VAL A 254 14.63 -8.51 -9.76
N ASP A 255 15.66 -8.02 -10.40
CA ASP A 255 16.83 -8.87 -10.71
C ASP A 255 18.06 -8.71 -9.81
N VAL A 256 18.74 -9.82 -9.56
CA VAL A 256 20.04 -9.82 -8.89
C VAL A 256 21.06 -10.21 -9.97
N SER A 257 22.05 -9.35 -10.17
CA SER A 257 23.02 -9.50 -11.27
C SER A 257 24.46 -9.88 -10.81
N ASP A 258 25.03 -9.08 -9.88
CA ASP A 258 26.35 -9.37 -9.29
C ASP A 258 26.49 -10.86 -9.03
N PRO A 259 27.48 -11.52 -9.69
CA PRO A 259 27.63 -12.98 -9.59
C PRO A 259 28.05 -13.50 -8.21
N GLN A 260 28.58 -12.64 -7.32
CA GLN A 260 28.93 -13.08 -5.97
C GLN A 260 27.62 -13.16 -5.21
N LEU A 261 26.83 -12.06 -5.28
CA LEU A 261 25.46 -12.06 -4.73
C LEU A 261 24.59 -13.23 -5.25
N ARG A 262 24.52 -13.44 -6.58
CA ARG A 262 23.63 -14.49 -7.15
C ARG A 262 23.95 -15.88 -6.56
N LYS A 263 25.22 -16.13 -6.24
CA LYS A 263 25.61 -17.38 -5.55
C LYS A 263 24.99 -17.58 -4.16
N LEU A 264 24.55 -16.53 -3.47
CA LEU A 264 23.90 -16.75 -2.18
C LEU A 264 22.37 -17.09 -2.36
N VAL A 265 21.84 -16.70 -3.54
CA VAL A 265 20.41 -16.75 -3.85
C VAL A 265 20.24 -17.39 -5.24
N PRO A 266 20.85 -18.58 -5.46
CA PRO A 266 21.03 -19.06 -6.84
C PRO A 266 19.72 -19.19 -7.71
N ASP A 267 18.67 -19.86 -7.25
CA ASP A 267 17.50 -19.82 -8.15
C ASP A 267 16.27 -18.98 -7.70
N VAL A 268 16.54 -18.04 -6.81
CA VAL A 268 15.51 -17.27 -6.13
C VAL A 268 14.97 -16.23 -7.14
N GLN A 269 13.65 -16.13 -7.33
CA GLN A 269 13.16 -15.03 -8.18
C GLN A 269 12.56 -14.01 -7.21
N PHE A 270 12.99 -12.76 -7.32
CA PHE A 270 12.49 -11.69 -6.51
C PHE A 270 11.47 -10.83 -7.25
N TYR A 271 10.51 -10.30 -6.50
CA TYR A 271 9.49 -9.48 -7.17
C TYR A 271 9.24 -8.23 -6.40
N SER A 272 8.87 -7.19 -7.11
CA SER A 272 8.40 -5.98 -6.49
C SER A 272 6.86 -6.05 -6.54
N CYS A 273 6.22 -6.12 -5.37
CA CYS A 273 4.77 -6.24 -5.40
C CYS A 273 4.13 -5.10 -4.71
N THR A 274 3.11 -4.52 -5.34
CA THR A 274 2.19 -3.64 -4.62
C THR A 274 0.95 -4.45 -4.19
N PHE A 275 0.68 -4.49 -2.90
CA PHE A 275 -0.53 -5.16 -2.40
C PHE A 275 -1.42 -4.14 -1.75
N ARG A 276 -2.71 -4.47 -1.68
CA ARG A 276 -3.61 -3.72 -0.82
C ARG A 276 -4.27 -4.65 0.14
N CYS A 277 -4.22 -4.34 1.41
CA CYS A 277 -4.76 -5.25 2.40
C CYS A 277 -5.77 -4.39 3.20
N PHE A 278 -7.07 -4.69 3.08
CA PHE A 278 -8.14 -3.94 3.81
C PHE A 278 -8.36 -4.50 5.19
N LYS A 279 -8.64 -3.63 6.14
CA LYS A 279 -9.05 -4.04 7.48
C LYS A 279 -10.58 -3.91 7.48
N VAL A 280 -11.22 -5.06 7.46
CA VAL A 280 -12.67 -5.13 7.28
C VAL A 280 -13.04 -6.38 8.09
N ALA A 281 -13.88 -6.12 9.08
CA ALA A 281 -14.30 -7.06 10.12
C ALA A 281 -14.89 -8.33 9.53
N THR A 282 -15.72 -8.19 8.53
CA THR A 282 -16.37 -9.38 7.93
C THR A 282 -15.60 -10.17 6.87
N LEU A 283 -14.33 -9.86 6.55
CA LEU A 283 -13.60 -10.63 5.50
C LEU A 283 -13.36 -12.09 5.99
N GLU A 284 -13.46 -13.11 5.14
CA GLU A 284 -13.17 -14.48 5.54
C GLU A 284 -11.87 -14.85 4.88
N ALA A 285 -11.35 -16.02 5.22
CA ALA A 285 -10.11 -16.51 4.63
C ALA A 285 -10.37 -16.85 3.17
N THR A 286 -11.60 -17.27 2.82
CA THR A 286 -11.86 -17.69 1.44
C THR A 286 -12.79 -16.69 0.70
N ARG A 287 -12.88 -16.85 -0.62
CA ARG A 287 -13.59 -15.99 -1.52
C ARG A 287 -14.89 -16.73 -1.96
N GLU A 288 -15.97 -16.34 -1.31
CA GLU A 288 -17.27 -17.06 -1.32
C GLU A 288 -18.26 -16.28 -2.17
N ASP A 289 -19.04 -17.01 -2.95
CA ASP A 289 -20.05 -16.42 -3.81
C ASP A 289 -21.36 -16.31 -3.04
N TYR A 290 -21.88 -15.11 -2.88
CA TYR A 290 -23.20 -14.88 -2.25
C TYR A 290 -24.15 -14.21 -3.24
N GLY A 291 -23.84 -14.39 -4.53
CA GLY A 291 -24.75 -14.01 -5.58
C GLY A 291 -24.60 -12.55 -5.94
N GLN A 292 -23.63 -11.85 -5.36
CA GLN A 292 -23.57 -10.41 -5.50
C GLN A 292 -22.93 -9.90 -6.78
N SER A 293 -23.25 -8.66 -7.11
CA SER A 293 -22.47 -7.94 -8.09
C SER A 293 -22.28 -6.51 -7.61
N ALA A 294 -21.27 -5.84 -8.15
CA ALA A 294 -21.02 -4.46 -7.77
C ALA A 294 -20.98 -3.61 -9.01
N THR A 295 -21.40 -2.35 -8.87
CA THR A 295 -21.43 -1.47 -10.05
C THR A 295 -20.75 -0.15 -9.75
N TYR A 296 -19.69 0.10 -10.52
CA TYR A 296 -18.91 1.32 -10.36
C TYR A 296 -19.77 2.49 -10.96
N LEU A 297 -20.06 3.52 -10.19
CA LEU A 297 -21.01 4.58 -10.61
C LEU A 297 -20.36 5.69 -11.42
N GLY A 298 -19.04 5.63 -11.62
CA GLY A 298 -18.27 6.75 -12.19
C GLY A 298 -17.79 7.78 -11.18
N GLY A 299 -16.90 8.68 -11.64
CA GLY A 299 -16.58 9.90 -10.86
C GLY A 299 -15.19 9.91 -10.26
N ILE A 300 -14.43 8.83 -10.44
CA ILE A 300 -13.01 8.84 -10.09
C ILE A 300 -12.11 8.23 -11.17
N GLY A 301 -12.60 8.25 -12.42
CA GLY A 301 -11.90 7.67 -13.56
C GLY A 301 -12.88 7.01 -14.53
N GLU A 302 -12.42 6.67 -15.71
CA GLU A 302 -13.24 5.93 -16.64
C GLU A 302 -13.67 4.56 -16.08
N GLU A 303 -12.73 3.84 -15.48
CA GLU A 303 -13.06 2.59 -14.78
C GLU A 303 -12.29 2.44 -13.49
N PHE A 304 -12.87 1.77 -12.50
CA PHE A 304 -12.16 1.46 -11.26
C PHE A 304 -11.47 0.06 -11.25
N LYS A 305 -10.16 0.07 -11.04
CA LYS A 305 -9.33 -1.10 -11.03
C LYS A 305 -9.08 -1.34 -9.54
N LEU A 306 -9.63 -2.41 -9.00
CA LEU A 306 -9.48 -2.68 -7.61
C LEU A 306 -8.22 -3.53 -7.37
N ASP A 307 -8.02 -4.50 -8.21
CA ASP A 307 -6.84 -5.35 -8.10
C ASP A 307 -6.67 -6.02 -9.44
N ARG A 308 -5.71 -6.91 -9.58
CA ARG A 308 -5.51 -7.55 -10.86
C ARG A 308 -6.67 -8.52 -11.29
N PHE A 309 -7.60 -8.84 -10.40
CA PHE A 309 -8.73 -9.72 -10.81
C PHE A 309 -10.05 -8.97 -11.12
N PHE A 310 -10.20 -7.76 -10.61
CA PHE A 310 -11.44 -7.00 -10.57
C PHE A 310 -11.26 -5.60 -11.13
N THR A 311 -11.81 -5.38 -12.32
CA THR A 311 -11.97 -4.04 -12.90
C THR A 311 -13.46 -3.81 -13.14
N PHE A 312 -13.90 -2.61 -12.83
CA PHE A 312 -15.30 -2.24 -12.85
C PHE A 312 -15.48 -1.05 -13.80
N PRO A 313 -15.94 -1.31 -15.05
CA PRO A 313 -16.17 -0.22 -16.05
C PRO A 313 -17.35 0.54 -15.56
N ARG A 314 -17.40 1.84 -15.85
CA ARG A 314 -18.45 2.71 -15.35
C ARG A 314 -19.84 2.14 -15.74
N GLU A 315 -20.75 2.05 -14.75
CA GLU A 315 -22.11 1.53 -14.92
C GLU A 315 -22.35 0.08 -15.43
N LYS A 316 -21.31 -0.77 -15.48
CA LYS A 316 -21.52 -2.16 -15.88
C LYS A 316 -21.38 -3.08 -14.67
N PRO A 317 -22.44 -3.87 -14.35
CA PRO A 317 -22.39 -4.67 -13.09
C PRO A 317 -21.38 -5.79 -13.26
N VAL A 318 -20.59 -6.06 -12.22
CA VAL A 318 -19.51 -7.12 -12.27
C VAL A 318 -19.78 -8.06 -11.11
N ARG A 319 -19.86 -9.36 -11.37
CA ARG A 319 -20.15 -10.32 -10.29
C ARG A 319 -18.94 -10.30 -9.31
N VAL A 320 -19.21 -10.31 -8.00
CA VAL A 320 -18.11 -10.26 -6.98
C VAL A 320 -18.30 -11.31 -5.88
N ASP A 321 -17.18 -11.85 -5.31
CA ASP A 321 -17.26 -12.66 -4.10
C ASP A 321 -17.62 -11.74 -2.93
N ARG A 322 -18.06 -12.31 -1.81
CA ARG A 322 -18.50 -11.48 -0.70
C ARG A 322 -17.34 -10.72 -0.06
N ASN A 323 -16.09 -11.23 -0.02
CA ASN A 323 -15.01 -10.34 0.53
C ASN A 323 -14.91 -9.03 -0.27
N THR A 324 -15.00 -9.13 -1.60
CA THR A 324 -14.86 -7.93 -2.45
C THR A 324 -16.08 -6.99 -2.29
N ALA A 325 -17.30 -7.57 -2.24
CA ALA A 325 -18.50 -6.80 -1.86
C ALA A 325 -18.27 -6.05 -0.57
N GLU A 326 -17.78 -6.76 0.44
CA GLU A 326 -17.57 -6.15 1.79
C GLU A 326 -16.50 -5.06 1.77
N ILE A 327 -15.47 -5.24 0.95
CA ILE A 327 -14.45 -4.20 0.87
C ILE A 327 -15.08 -2.94 0.27
N ILE A 328 -15.90 -3.13 -0.76
CA ILE A 328 -16.52 -2.03 -1.46
C ILE A 328 -17.45 -1.35 -0.49
N ARG A 329 -18.31 -2.12 0.16
CA ARG A 329 -19.22 -1.55 1.14
C ARG A 329 -18.59 -0.84 2.34
N HIS A 330 -17.58 -1.41 2.99
CA HIS A 330 -17.14 -0.81 4.29
C HIS A 330 -16.01 0.19 4.15
N SER A 331 -15.33 0.20 3.00
CA SER A 331 -14.23 1.14 2.76
C SER A 331 -14.78 2.42 2.15
N ARG A 332 -13.96 3.46 2.03
CA ARG A 332 -14.36 4.74 1.44
C ARG A 332 -14.87 4.57 0.00
N LEU A 333 -14.60 3.42 -0.62
CA LEU A 333 -15.01 3.19 -1.99
C LEU A 333 -16.52 3.12 -2.23
N HIS A 334 -17.30 2.90 -1.16
CA HIS A 334 -18.76 2.79 -1.24
C HIS A 334 -19.40 4.00 -1.91
N GLN A 335 -18.73 5.17 -1.89
CA GLN A 335 -19.34 6.40 -2.44
C GLN A 335 -19.44 6.27 -3.91
N TRP A 336 -18.56 5.46 -4.53
CA TRP A 336 -18.60 5.37 -5.98
C TRP A 336 -19.08 4.08 -6.50
N PHE A 337 -19.78 3.31 -5.68
CA PHE A 337 -20.27 2.00 -6.10
C PHE A 337 -21.68 1.74 -5.62
N SER A 338 -22.37 0.85 -6.34
CA SER A 338 -23.61 0.19 -5.85
C SER A 338 -23.36 -1.33 -5.69
N VAL A 339 -23.65 -1.90 -4.52
CA VAL A 339 -23.34 -3.33 -4.31
C VAL A 339 -24.63 -4.02 -3.99
N SER A 340 -24.96 -5.06 -4.75
CA SER A 340 -26.22 -5.77 -4.50
C SER A 340 -26.25 -6.58 -3.22
N ALA A 341 -27.45 -6.97 -2.76
CA ALA A 341 -27.60 -7.66 -1.48
C ALA A 341 -27.14 -9.11 -1.54
N GLU A 342 -26.67 -9.65 -0.42
CA GLU A 342 -26.30 -11.09 -0.31
C GLU A 342 -27.49 -11.97 -0.54
N GLN A 343 -27.36 -12.98 -1.42
CA GLN A 343 -28.35 -14.04 -1.57
C GLN A 343 -27.91 -15.19 -0.66
N GLN A 344 -28.41 -16.38 -0.98
CA GLN A 344 -27.93 -17.65 -0.49
C GLN A 344 -26.48 -17.90 -0.93
N HIS A 345 -25.71 -18.56 -0.07
CA HIS A 345 -24.36 -19.00 -0.38
C HIS A 345 -24.35 -19.92 -1.54
N MET A 346 -23.48 -19.65 -2.48
CA MET A 346 -23.42 -20.41 -3.73
C MET A 346 -22.16 -21.23 -3.93
N GLY A 347 -21.34 -21.28 -2.89
CA GLY A 347 -20.08 -21.98 -2.96
C GLY A 347 -18.95 -20.97 -3.23
N LEU A 348 -17.81 -21.49 -3.56
CA LEU A 348 -16.69 -20.68 -3.90
C LEU A 348 -17.00 -19.85 -5.14
N PHE A 349 -16.42 -18.65 -5.23
CA PHE A 349 -16.73 -17.75 -6.29
C PHE A 349 -15.98 -18.15 -7.56
N LYS A 350 -16.71 -18.35 -8.67
CA LYS A 350 -16.09 -18.74 -9.94
C LYS A 350 -16.41 -17.82 -11.09
N ALA A 351 -17.20 -16.79 -10.82
CA ALA A 351 -17.69 -15.91 -11.87
C ALA A 351 -16.69 -14.80 -12.26
N ASN A 352 -15.48 -15.22 -12.69
CA ASN A 352 -14.36 -14.30 -12.96
C ASN A 352 -13.53 -15.06 -13.98
N ASP A 353 -12.90 -14.41 -14.94
CA ASP A 353 -12.24 -15.33 -15.91
C ASP A 353 -10.85 -15.87 -15.52
N SER A 354 -10.37 -15.49 -14.33
CA SER A 354 -9.16 -16.05 -13.72
C SER A 354 -9.50 -16.66 -12.38
N TYR A 355 -10.69 -17.26 -12.25
CA TYR A 355 -11.09 -17.67 -10.90
C TYR A 355 -10.11 -18.69 -10.25
N ALA A 356 -9.54 -19.60 -11.06
CA ALA A 356 -8.52 -20.58 -10.60
C ALA A 356 -7.35 -19.86 -9.96
N LEU A 357 -6.84 -18.83 -10.64
CA LEU A 357 -5.73 -18.04 -10.06
C LEU A 357 -6.16 -17.25 -8.82
N LEU A 358 -7.41 -16.79 -8.84
CA LEU A 358 -7.96 -15.99 -7.74
C LEU A 358 -7.91 -16.77 -6.44
N HIS A 359 -8.11 -18.09 -6.49
CA HIS A 359 -8.12 -18.91 -5.30
C HIS A 359 -6.76 -19.49 -4.98
N ALA A 360 -5.75 -19.20 -5.81
CA ALA A 360 -4.46 -19.92 -5.73
C ALA A 360 -3.53 -19.24 -4.73
N PRO A 361 -2.48 -19.93 -4.28
CA PRO A 361 -1.59 -19.21 -3.41
C PRO A 361 -0.97 -17.98 -4.06
N LEU A 362 -0.69 -17.04 -3.21
CA LEU A 362 -0.11 -15.81 -3.61
C LEU A 362 1.11 -15.94 -4.54
N SER A 363 1.95 -16.96 -4.38
CA SER A 363 3.11 -17.01 -5.32
C SER A 363 2.78 -17.43 -6.74
N MET A 364 1.74 -18.25 -6.91
CA MET A 364 1.25 -18.50 -8.26
C MET A 364 0.54 -17.27 -8.89
N GLN A 365 -0.20 -16.50 -8.09
CA GLN A 365 -0.78 -15.30 -8.67
C GLN A 365 0.34 -14.37 -9.22
N VAL A 366 1.32 -14.08 -8.34
CA VAL A 366 2.43 -13.17 -8.67
C VAL A 366 3.24 -13.68 -9.85
N GLU A 367 3.69 -14.90 -9.77
CA GLU A 367 4.44 -15.58 -10.81
C GLU A 367 3.81 -15.43 -12.20
N GLN A 368 2.50 -15.72 -12.30
CA GLN A 368 1.78 -15.71 -13.58
C GLN A 368 1.34 -14.35 -14.03
N LEU A 369 1.26 -13.39 -13.14
CA LEU A 369 0.82 -12.08 -13.54
C LEU A 369 2.00 -11.17 -13.87
N VAL A 370 3.19 -11.58 -13.45
CA VAL A 370 4.40 -10.85 -13.79
C VAL A 370 4.53 -10.77 -15.34
N SER A 371 4.46 -11.94 -15.99
CA SER A 371 4.56 -12.11 -17.46
C SER A 371 4.25 -13.53 -17.95
N GLY A 372 4.07 -13.66 -19.26
CA GLY A 372 3.60 -14.89 -19.88
C GLY A 372 2.08 -14.97 -19.88
#